data_2OQU
#
_entry.id   2OQU
#
_cell.length_a   50.153
_cell.length_b   58.166
_cell.length_c   74.658
_cell.angle_alpha   90.00
_cell.angle_beta   90.00
_cell.angle_gamma   90.00
#
_symmetry.space_group_name_H-M   'P 21 21 21'
#
loop_
_entity.id
_entity.type
_entity.pdbx_description
1 polymer Elastase-1
2 non-polymer 'CALCIUM ION'
3 non-polymer 'SULFATE ION'
4 non-polymer XENON
5 water water
#
_entity_poly.entity_id   1
_entity_poly.type   'polypeptide(L)'
_entity_poly.pdbx_seq_one_letter_code
;VVGGTEAQRNSWPSQISLQYRSGSSWAHTCGGTLIRQNWVMTAAHCVDRELTFRVVVGEHNLNQNDGTEQYVGVQKIVVH
PYWNTDDVAAGYDIALLRLAQSVTLNSYVQLGVLPRAGTILANNSPCYITGWGLTRTNGQLAQTLQQAYLPTVDYAICSS
SSYWGSTVKNSMVCAGGDGVRSGCQGDSGGPLHCLVNGQYAVHGVTSFVSRLGCNVTRKPTVFTRVSAYISWINNVIASN
;
_entity_poly.pdbx_strand_id   A
#
loop_
_chem_comp.id
_chem_comp.type
_chem_comp.name
_chem_comp.formula
CA non-polymer 'CALCIUM ION' 'Ca 2'
SO4 non-polymer 'SULFATE ION' 'O4 S -2'
XE non-polymer XENON Xe
#
# COMPACT_ATOMS: atom_id res chain seq x y z
N VAL A 1 -4.64 0.97 9.95
CA VAL A 1 -3.40 1.45 10.62
C VAL A 1 -3.63 1.50 12.11
N VAL A 2 -2.79 0.78 12.86
CA VAL A 2 -2.84 0.82 14.33
C VAL A 2 -1.92 1.92 14.82
N GLY A 3 -2.37 2.71 15.81
CA GLY A 3 -1.55 3.76 16.43
C GLY A 3 -1.23 4.91 15.47
N GLY A 4 -2.10 5.11 14.48
CA GLY A 4 -2.00 6.25 13.58
C GLY A 4 -2.68 7.52 14.09
N THR A 5 -2.57 8.58 13.28
CA THR A 5 -3.28 9.84 13.49
C THR A 5 -4.02 10.13 12.17
N GLU A 6 -5.10 10.92 12.24
CA GLU A 6 -5.82 11.27 11.04
C GLU A 6 -4.95 12.11 10.10
N ALA A 7 -4.82 11.65 8.85
CA ALA A 7 -4.11 12.42 7.81
C ALA A 7 -4.88 13.71 7.49
N GLN A 8 -4.15 14.80 7.22
CA GLN A 8 -4.83 15.94 6.63
C GLN A 8 -5.29 15.59 5.22
N ARG A 9 -6.39 16.21 4.81
CA ARG A 9 -7.05 15.94 3.55
C ARG A 9 -6.13 15.93 2.33
N ASN A 10 -5.14 16.82 2.32
CA ASN A 10 -4.24 16.94 1.16
C ASN A 10 -2.80 16.42 1.33
N SER A 11 -2.56 15.55 2.32
CA SER A 11 -1.19 15.11 2.55
C SER A 11 -0.71 14.06 1.55
N TRP A 12 -1.62 13.15 1.21
CA TRP A 12 -1.24 11.94 0.49
C TRP A 12 -2.17 11.77 -0.73
N PRO A 13 -2.08 12.70 -1.68
CA PRO A 13 -3.06 12.72 -2.79
C PRO A 13 -2.95 11.55 -3.78
N SER A 14 -1.88 10.75 -3.68
CA SER A 14 -1.76 9.54 -4.53
C SER A 14 -2.41 8.28 -3.88
N GLN A 15 -2.80 8.38 -2.60
CA GLN A 15 -3.50 7.28 -1.92
C GLN A 15 -4.87 7.05 -2.57
N ILE A 16 -5.18 5.78 -2.85
CA ILE A 16 -6.52 5.38 -3.36
C ILE A 16 -7.13 4.30 -2.46
N SER A 17 -8.46 4.20 -2.53
CA SER A 17 -9.20 3.13 -1.87
C SER A 17 -9.63 2.15 -2.97
N LEU A 18 -9.22 0.90 -2.82
CA LEU A 18 -9.62 -0.17 -3.70
C LEU A 18 -10.81 -0.85 -3.03
N GLN A 19 -11.91 -0.90 -3.79
CA GLN A 19 -13.22 -1.31 -3.27
C GLN A 19 -13.82 -2.40 -4.12
N TYR A 20 -14.62 -3.26 -3.50
CA TYR A 20 -15.29 -4.31 -4.27
C TYR A 20 -16.79 -4.24 -4.07
N ARG A 21 -17.54 -4.84 -5.00
CA ARG A 21 -18.99 -4.86 -4.91
C ARG A 21 -19.44 -5.91 -3.89
N SER A 22 -20.23 -5.47 -2.91
CA SER A 22 -20.84 -6.33 -1.91
C SER A 22 -22.31 -5.92 -1.88
N GLY A 23 -23.19 -6.79 -2.39
CA GLY A 23 -24.60 -6.44 -2.61
C GLY A 23 -24.69 -5.45 -3.76
N SER A 24 -25.44 -4.37 -3.56
CA SER A 24 -25.43 -3.23 -4.48
C SER A 24 -24.65 -2.05 -3.87
N SER A 25 -23.77 -2.36 -2.93
CA SER A 25 -22.87 -1.37 -2.34
C SER A 25 -21.44 -1.75 -2.67
N TRP A 26 -20.53 -0.84 -2.35
CA TRP A 26 -19.09 -1.04 -2.51
C TRP A 26 -18.48 -0.98 -1.13
N ALA A 27 -17.49 -1.82 -0.87
CA ALA A 27 -16.82 -1.85 0.43
C ALA A 27 -15.33 -1.74 0.19
N HIS A 28 -14.68 -0.91 1.01
CA HIS A 28 -13.21 -0.84 0.95
C HIS A 28 -12.57 -2.18 1.29
N THR A 29 -11.61 -2.63 0.47
CA THR A 29 -10.80 -3.80 0.82
C THR A 29 -9.28 -3.52 1.01
N CYS A 30 -8.74 -2.66 0.18
CA CYS A 30 -7.29 -2.45 0.11
C CYS A 30 -6.93 -1.02 -0.23
N GLY A 31 -5.68 -0.69 0.04
CA GLY A 31 -5.12 0.57 -0.46
C GLY A 31 -4.47 0.37 -1.82
N GLY A 32 -4.03 1.47 -2.41
CA GLY A 32 -3.30 1.47 -3.68
C GLY A 32 -2.65 2.84 -3.84
N THR A 33 -1.80 2.97 -4.85
CA THR A 33 -1.15 4.22 -5.18
C THR A 33 -1.42 4.53 -6.65
N LEU A 34 -1.96 5.72 -6.91
CA LEU A 34 -2.16 6.20 -8.28
C LEU A 34 -0.78 6.51 -8.87
N ILE A 35 -0.44 5.86 -9.99
CA ILE A 35 0.87 6.07 -10.60
C ILE A 35 0.81 6.65 -12.03
N ARG A 36 -0.35 6.48 -12.70
CA ARG A 36 -0.69 7.22 -13.91
C ARG A 36 -2.13 7.69 -13.75
N GLN A 37 -2.56 8.62 -14.59
CA GLN A 37 -3.97 9.02 -14.52
C GLN A 37 -4.95 7.85 -14.71
N ASN A 38 -4.48 6.77 -15.33
CA ASN A 38 -5.29 5.56 -15.48
C ASN A 38 -4.63 4.25 -15.01
N TRP A 39 -3.64 4.35 -14.12
CA TRP A 39 -3.06 3.14 -13.53
C TRP A 39 -2.85 3.30 -12.03
N VAL A 40 -3.14 2.21 -11.33
CA VAL A 40 -2.97 2.13 -9.90
C VAL A 40 -2.06 0.93 -9.57
N MET A 41 -1.13 1.13 -8.63
CA MET A 41 -0.27 0.07 -8.11
C MET A 41 -0.84 -0.38 -6.76
N THR A 42 -1.05 -1.70 -6.63
CA THR A 42 -1.57 -2.28 -5.40
C THR A 42 -0.87 -3.61 -5.13
N ALA A 43 -1.35 -4.37 -4.13
CA ALA A 43 -0.75 -5.68 -3.83
C ALA A 43 -1.48 -6.77 -4.61
N ALA A 44 -0.71 -7.73 -5.12
CA ALA A 44 -1.29 -8.86 -5.83
C ALA A 44 -2.35 -9.56 -4.99
N HIS A 45 -2.08 -9.76 -3.71
CA HIS A 45 -3.02 -10.50 -2.85
C HIS A 45 -4.38 -9.83 -2.72
N CYS A 46 -4.44 -8.53 -3.01
CA CYS A 46 -5.70 -7.78 -2.93
C CYS A 46 -6.63 -8.12 -4.08
N VAL A 47 -6.06 -8.65 -5.15
CA VAL A 47 -6.85 -8.88 -6.36
C VAL A 47 -6.85 -10.34 -6.80
N ASP A 48 -6.63 -11.25 -5.85
CA ASP A 48 -6.78 -12.72 -6.04
C ASP A 48 -8.29 -13.11 -6.18
N ARG A 49 -9.14 -12.57 -5.31
CA ARG A 49 -10.56 -12.90 -5.41
C ARG A 49 -11.18 -12.35 -6.71
N GLU A 50 -11.98 -13.19 -7.36
CA GLU A 50 -12.65 -12.92 -8.65
C GLU A 50 -13.76 -11.85 -8.48
N LEU A 51 -13.37 -10.67 -8.02
CA LEU A 51 -14.34 -9.67 -7.61
C LEU A 51 -14.47 -8.53 -8.60
N THR A 52 -15.60 -7.81 -8.52
CA THR A 52 -15.74 -6.54 -9.23
C THR A 52 -15.02 -5.47 -8.39
N PHE A 53 -14.10 -4.74 -9.00
CA PHE A 53 -13.33 -3.72 -8.28
C PHE A 53 -13.58 -2.31 -8.81
N ARG A 54 -13.58 -1.34 -7.90
CA ARG A 54 -13.49 0.07 -8.28
C ARG A 54 -12.40 0.75 -7.47
N VAL A 55 -11.95 1.86 -8.00
CA VAL A 55 -10.93 2.69 -7.36
C VAL A 55 -11.56 4.01 -7.03
N VAL A 56 -11.32 4.48 -5.81
CA VAL A 56 -11.70 5.84 -5.43
C VAL A 56 -10.44 6.68 -5.20
N VAL A 57 -10.29 7.74 -6.00
CA VAL A 57 -9.25 8.77 -5.80
C VAL A 57 -9.88 9.99 -5.14
N GLY A 58 -9.04 10.79 -4.45
CA GLY A 58 -9.52 11.94 -3.70
C GLY A 58 -10.48 11.54 -2.59
N GLU A 59 -10.26 10.36 -2.03
CA GLU A 59 -11.05 9.82 -0.94
C GLU A 59 -10.39 10.18 0.40
N HIS A 60 -11.20 10.61 1.37
CA HIS A 60 -10.70 10.87 2.74
C HIS A 60 -11.50 10.09 3.79
N ASN A 61 -12.83 10.25 3.75
CA ASN A 61 -13.76 9.54 4.63
C ASN A 61 -14.55 8.50 3.82
N LEU A 62 -14.38 7.22 4.14
CA LEU A 62 -15.06 6.14 3.39
C LEU A 62 -16.58 6.19 3.38
N ASN A 63 -17.14 6.77 4.44
CA ASN A 63 -18.59 6.81 4.64
C ASN A 63 -19.28 8.22 4.61
N GLN A 64 -18.55 9.23 4.12
CA GLN A 64 -19.06 10.61 4.02
C GLN A 64 -18.64 11.24 2.72
N ASN A 65 -19.48 12.13 2.21
CA ASN A 65 -19.15 12.89 1.01
C ASN A 65 -18.07 13.93 1.31
N ASP A 66 -16.89 13.71 0.73
CA ASP A 66 -15.77 14.62 0.91
C ASP A 66 -15.84 15.80 -0.06
N GLY A 67 -16.64 15.65 -1.12
CA GLY A 67 -16.71 16.64 -2.21
C GLY A 67 -15.55 16.60 -3.19
N THR A 68 -14.67 15.61 -3.04
CA THR A 68 -13.41 15.54 -3.79
C THR A 68 -13.18 14.19 -4.51
N GLU A 69 -14.07 13.22 -4.28
CA GLU A 69 -13.90 11.86 -4.81
C GLU A 69 -14.15 11.76 -6.32
N GLN A 70 -13.37 10.91 -6.97
CA GLN A 70 -13.68 10.40 -8.28
C GLN A 70 -13.71 8.87 -8.20
N TYR A 71 -14.75 8.29 -8.77
CA TYR A 71 -14.99 6.85 -8.67
C TYR A 71 -14.78 6.26 -10.05
N VAL A 72 -13.88 5.29 -10.14
CA VAL A 72 -13.51 4.73 -11.43
C VAL A 72 -13.40 3.21 -11.44
N GLY A 73 -14.03 2.59 -12.44
CA GLY A 73 -13.97 1.15 -12.54
C GLY A 73 -12.58 0.65 -12.90
N VAL A 74 -12.23 -0.54 -12.43
CA VAL A 74 -11.03 -1.25 -12.84
C VAL A 74 -11.35 -2.09 -14.10
N GLN A 75 -10.61 -1.78 -15.16
CA GLN A 75 -10.81 -2.31 -16.52
C GLN A 75 -9.89 -3.53 -16.79
N LYS A 76 -8.68 -3.53 -16.22
CA LYS A 76 -7.74 -4.63 -16.41
C LYS A 76 -6.83 -4.81 -15.19
N ILE A 77 -6.58 -6.05 -14.81
CA ILE A 77 -5.71 -6.36 -13.66
C ILE A 77 -4.50 -7.13 -14.17
N VAL A 78 -3.30 -6.60 -13.92
CA VAL A 78 -2.08 -7.31 -14.27
C VAL A 78 -1.33 -7.66 -12.99
N VAL A 79 -1.46 -8.90 -12.53
CA VAL A 79 -0.68 -9.27 -11.34
C VAL A 79 0.73 -9.73 -11.74
N HIS A 80 1.73 -9.49 -10.88
CA HIS A 80 3.07 -9.95 -11.17
C HIS A 80 3.05 -11.46 -11.54
N PRO A 81 3.65 -11.84 -12.69
CA PRO A 81 3.63 -13.23 -13.18
C PRO A 81 4.25 -14.24 -12.23
N TYR A 82 5.09 -13.78 -11.30
CA TYR A 82 5.76 -14.65 -10.36
C TYR A 82 5.01 -14.80 -9.03
N TRP A 83 3.95 -14.04 -8.86
CA TRP A 83 3.16 -14.06 -7.61
C TRP A 83 2.51 -15.43 -7.40
N ASN A 84 2.56 -15.91 -6.16
CA ASN A 84 1.96 -17.17 -5.79
C ASN A 84 1.12 -16.92 -4.55
N THR A 85 -0.20 -17.05 -4.69
CA THR A 85 -1.14 -16.78 -3.61
C THR A 85 -0.92 -17.58 -2.33
N ASP A 86 -0.34 -18.77 -2.44
CA ASP A 86 -0.12 -19.64 -1.27
C ASP A 86 1.24 -19.43 -0.65
N ASP A 87 1.94 -18.38 -1.11
CA ASP A 87 3.33 -18.16 -0.72
C ASP A 87 3.63 -16.65 -0.75
N VAL A 88 3.00 -15.90 0.17
CA VAL A 88 3.21 -14.44 0.22
C VAL A 88 4.66 -14.13 0.63
N ALA A 89 5.28 -15.04 1.38
CA ALA A 89 6.65 -14.83 1.85
C ALA A 89 7.66 -14.92 0.73
N ALA A 90 7.24 -15.46 -0.43
CA ALA A 90 8.12 -15.51 -1.61
C ALA A 90 8.26 -14.13 -2.26
N GLY A 91 7.34 -13.22 -1.91
CA GLY A 91 7.30 -11.87 -2.51
C GLY A 91 6.48 -11.76 -3.78
N TYR A 92 6.82 -10.76 -4.59
CA TYR A 92 6.11 -10.48 -5.81
C TYR A 92 4.70 -10.01 -5.52
N ASP A 93 4.46 -9.49 -4.31
CA ASP A 93 3.11 -9.06 -3.92
C ASP A 93 2.79 -7.67 -4.49
N ILE A 94 2.55 -7.63 -5.79
CA ILE A 94 2.36 -6.38 -6.50
C ILE A 94 1.50 -6.64 -7.75
N ALA A 95 0.67 -5.66 -8.08
CA ALA A 95 -0.24 -5.72 -9.21
C ALA A 95 -0.57 -4.32 -9.69
N LEU A 96 -0.88 -4.23 -10.97
CA LEU A 96 -1.23 -2.97 -11.61
C LEU A 96 -2.65 -3.07 -12.12
N LEU A 97 -3.41 -2.00 -11.91
CA LEU A 97 -4.81 -1.92 -12.32
C LEU A 97 -4.92 -0.81 -13.36
N ARG A 98 -5.36 -1.15 -14.57
CA ARG A 98 -5.75 -0.10 -15.52
C ARG A 98 -7.19 0.36 -15.24
N LEU A 99 -7.37 1.67 -15.12
CA LEU A 99 -8.68 2.26 -14.80
C LEU A 99 -9.48 2.47 -16.09
N ALA A 100 -10.81 2.44 -16.01
CA ALA A 100 -11.69 2.60 -17.20
C ALA A 100 -11.67 4.04 -17.75
N GLN A 101 -11.36 4.99 -16.87
CA GLN A 101 -11.22 6.38 -17.27
C GLN A 101 -9.95 6.93 -16.66
N SER A 102 -9.42 8.00 -17.26
CA SER A 102 -8.31 8.73 -16.69
C SER A 102 -8.84 9.79 -15.73
N VAL A 103 -8.40 9.70 -14.49
CA VAL A 103 -8.80 10.63 -13.42
C VAL A 103 -8.18 12.04 -13.63
N THR A 104 -8.86 13.04 -13.07
CA THR A 104 -8.45 14.42 -13.12
C THR A 104 -7.60 14.76 -11.89
N LEU A 105 -6.44 15.36 -12.14
CA LEU A 105 -5.49 15.73 -11.10
C LEU A 105 -5.82 17.08 -10.45
N ASN A 106 -5.66 17.16 -9.14
CA ASN A 106 -5.87 18.38 -8.36
C ASN A 106 -5.16 18.23 -7.02
N SER A 107 -5.41 19.11 -6.06
CA SER A 107 -4.70 18.97 -4.77
C SER A 107 -5.02 17.67 -4.00
N TYR A 108 -6.12 17.00 -4.36
CA TYR A 108 -6.56 15.77 -3.72
C TYR A 108 -6.19 14.50 -4.48
N VAL A 109 -5.75 14.69 -5.73
CA VAL A 109 -5.50 13.59 -6.68
C VAL A 109 -4.20 13.86 -7.47
N GLN A 110 -3.15 13.12 -7.13
CA GLN A 110 -1.84 13.33 -7.79
C GLN A 110 -1.19 11.97 -8.00
N LEU A 111 -0.27 11.87 -8.96
CA LEU A 111 0.51 10.66 -9.13
C LEU A 111 1.53 10.48 -8.00
N GLY A 112 1.66 9.27 -7.50
CA GLY A 112 2.71 8.96 -6.52
C GLY A 112 4.06 8.83 -7.23
N VAL A 113 5.09 9.44 -6.66
CA VAL A 113 6.41 9.35 -7.28
C VAL A 113 7.11 8.12 -6.71
N LEU A 114 7.78 7.35 -7.57
CA LEU A 114 8.42 6.10 -7.16
C LEU A 114 9.91 6.32 -7.04
N PRO A 115 10.60 5.50 -6.21
CA PRO A 115 12.05 5.67 -6.06
C PRO A 115 12.78 5.25 -7.31
N ARG A 116 14.02 5.70 -7.44
CA ARG A 116 14.87 5.19 -8.51
C ARG A 116 15.11 3.69 -8.34
N ALA A 117 15.15 2.96 -9.44
CA ALA A 117 15.37 1.49 -9.40
C ALA A 117 16.60 1.08 -8.59
N GLY A 118 16.43 0.05 -7.74
CA GLY A 118 17.55 -0.50 -6.93
C GLY A 118 17.80 0.23 -5.63
N THR A 119 17.10 1.34 -5.41
CA THR A 119 17.28 2.15 -4.18
C THR A 119 16.91 1.35 -2.94
N ILE A 120 17.83 1.31 -1.96
CA ILE A 120 17.60 0.66 -0.66
C ILE A 120 17.78 1.74 0.43
N LEU A 121 16.80 1.86 1.33
CA LEU A 121 16.87 2.88 2.36
C LEU A 121 17.79 2.44 3.52
N ALA A 122 18.55 3.37 4.07
CA ALA A 122 19.37 3.06 5.25
C ALA A 122 18.43 2.64 6.39
N ASN A 123 18.92 1.74 7.25
CA ASN A 123 18.22 1.40 8.49
C ASN A 123 17.71 2.64 9.18
N ASN A 124 16.50 2.53 9.73
CA ASN A 124 15.87 3.60 10.51
C ASN A 124 15.49 4.86 9.71
N SER A 125 15.33 4.71 8.40
CA SER A 125 14.86 5.83 7.54
C SER A 125 13.39 6.15 7.87
N PRO A 126 13.07 7.42 8.07
CA PRO A 126 11.71 7.75 8.49
C PRO A 126 10.73 7.63 7.32
N CYS A 127 9.58 7.02 7.60
CA CYS A 127 8.53 6.77 6.61
C CYS A 127 7.18 6.87 7.30
N TYR A 128 6.12 7.11 6.51
CA TYR A 128 4.73 7.04 6.96
C TYR A 128 4.02 5.93 6.15
N ILE A 129 3.31 5.05 6.85
CA ILE A 129 2.30 4.21 6.20
C ILE A 129 0.97 4.99 6.19
N THR A 130 0.18 4.83 5.12
CA THR A 130 -1.16 5.42 5.13
C THR A 130 -2.24 4.39 4.74
N GLY A 131 -3.45 4.58 5.25
CA GLY A 131 -4.56 3.70 4.86
C GLY A 131 -5.78 3.73 5.76
N TRP A 132 -6.81 3.02 5.32
CA TRP A 132 -8.06 2.95 6.06
C TRP A 132 -8.22 1.62 6.81
N GLY A 133 -7.14 0.84 6.86
CA GLY A 133 -7.14 -0.47 7.50
C GLY A 133 -7.54 -0.47 8.97
N LEU A 134 -7.70 -1.67 9.54
CA LEU A 134 -8.06 -1.84 10.95
C LEU A 134 -7.22 -0.93 11.85
N THR A 135 -7.87 -0.34 12.85
CA THR A 135 -7.18 0.53 13.82
C THR A 135 -6.73 -0.25 15.07
N ARG A 136 -7.19 -1.50 15.16
CA ARG A 136 -6.69 -2.45 16.16
C ARG A 136 -6.65 -3.85 15.53
N THR A 137 -5.77 -4.71 16.03
CA THR A 137 -5.81 -6.11 15.63
C THR A 137 -7.23 -6.64 15.87
N ASN A 138 -7.80 -7.30 14.86
CA ASN A 138 -9.19 -7.83 14.93
C ASN A 138 -10.22 -6.73 15.22
N GLY A 139 -9.91 -5.50 14.78
CA GLY A 139 -10.74 -4.34 15.02
C GLY A 139 -11.58 -4.03 13.79
N GLN A 140 -11.71 -2.73 13.51
CA GLN A 140 -12.56 -2.25 12.42
C GLN A 140 -11.77 -1.24 11.59
N LEU A 141 -12.15 -1.15 10.31
CA LEU A 141 -11.57 -0.15 9.40
C LEU A 141 -11.71 1.27 9.97
N ALA A 142 -10.71 2.11 9.71
CA ALA A 142 -10.83 3.53 9.99
C ALA A 142 -11.90 4.13 9.07
N GLN A 143 -12.61 5.14 9.56
CA GLN A 143 -13.49 5.93 8.71
C GLN A 143 -12.67 6.92 7.87
N THR A 144 -11.66 7.53 8.48
CA THR A 144 -10.85 8.54 7.80
C THR A 144 -9.42 8.06 7.57
N LEU A 145 -8.80 8.49 6.48
CA LEU A 145 -7.40 8.10 6.19
C LEU A 145 -6.50 8.35 7.41
N GLN A 146 -5.74 7.32 7.79
CA GLN A 146 -4.82 7.38 8.91
C GLN A 146 -3.39 7.33 8.37
N GLN A 147 -2.48 7.90 9.14
CA GLN A 147 -1.05 7.75 8.86
C GLN A 147 -0.34 7.34 10.14
N ALA A 148 0.73 6.55 9.99
CA ALA A 148 1.59 6.23 11.15
C ALA A 148 3.05 6.35 10.78
N TYR A 149 3.85 6.88 11.71
CA TYR A 149 5.29 7.06 11.49
C TYR A 149 5.97 5.73 11.77
N LEU A 150 6.52 5.11 10.72
CA LEU A 150 7.14 3.78 10.79
C LEU A 150 8.54 3.83 10.16
N PRO A 151 9.62 3.83 10.98
CA PRO A 151 10.98 3.87 10.44
C PRO A 151 11.35 2.52 9.87
N THR A 152 12.14 2.52 8.79
CA THR A 152 12.53 1.25 8.19
C THR A 152 13.42 0.41 9.13
N VAL A 153 13.40 -0.89 8.87
CA VAL A 153 14.25 -1.86 9.52
C VAL A 153 14.94 -2.58 8.38
N ASP A 154 16.26 -2.44 8.32
CA ASP A 154 16.98 -2.96 7.16
C ASP A 154 16.95 -4.51 7.10
N TYR A 155 17.30 -5.03 5.92
CA TYR A 155 17.25 -6.46 5.66
C TYR A 155 18.02 -7.27 6.69
N ALA A 156 19.23 -6.83 7.02
CA ALA A 156 20.06 -7.53 8.00
C ALA A 156 19.31 -7.74 9.33
N ILE A 157 18.69 -6.68 9.83
CA ILE A 157 17.93 -6.75 11.08
C ILE A 157 16.60 -7.48 10.90
N CYS A 158 15.86 -7.11 9.85
CA CYS A 158 14.54 -7.67 9.63
C CYS A 158 14.57 -9.17 9.41
N SER A 159 15.66 -9.67 8.82
CA SER A 159 15.76 -11.10 8.49
C SER A 159 16.44 -11.89 9.61
N SER A 160 16.79 -11.22 10.70
CA SER A 160 17.37 -11.83 11.90
C SER A 160 16.33 -12.62 12.68
N SER A 161 16.75 -13.54 13.54
CA SER A 161 15.80 -14.51 14.11
C SER A 161 14.70 -13.91 15.00
N SER A 162 15.04 -12.86 15.76
CA SER A 162 14.11 -12.11 16.64
C SER A 162 13.00 -11.43 15.83
N TYR A 163 13.32 -11.08 14.60
CA TYR A 163 12.40 -10.38 13.71
C TYR A 163 11.64 -11.32 12.80
N TRP A 164 11.81 -11.21 11.49
CA TRP A 164 11.05 -12.04 10.55
C TRP A 164 11.78 -13.26 10.00
N GLY A 165 13.06 -13.43 10.35
CA GLY A 165 13.80 -14.59 9.86
C GLY A 165 13.79 -14.72 8.36
N SER A 166 13.60 -15.93 7.85
CA SER A 166 13.65 -16.24 6.42
C SER A 166 12.41 -15.75 5.64
N THR A 167 11.40 -15.31 6.38
CA THR A 167 10.14 -14.85 5.80
C THR A 167 10.31 -13.60 4.92
N VAL A 168 11.13 -12.68 5.38
CA VAL A 168 11.43 -11.45 4.63
C VAL A 168 12.50 -11.68 3.56
N LYS A 169 12.37 -10.99 2.44
CA LYS A 169 13.29 -11.11 1.32
C LYS A 169 13.87 -9.72 1.03
N ASN A 170 14.94 -9.68 0.23
CA ASN A 170 15.53 -8.42 -0.19
C ASN A 170 14.63 -7.61 -1.12
N SER A 171 13.61 -8.28 -1.68
CA SER A 171 12.59 -7.63 -2.51
C SER A 171 11.52 -6.92 -1.66
N MET A 172 11.73 -6.87 -0.35
CA MET A 172 10.76 -6.28 0.58
C MET A 172 11.37 -5.16 1.41
N VAL A 173 10.51 -4.29 1.94
CA VAL A 173 10.91 -3.29 2.92
C VAL A 173 10.14 -3.55 4.21
N CYS A 174 10.86 -3.62 5.34
CA CYS A 174 10.21 -3.69 6.65
C CYS A 174 10.19 -2.30 7.25
N ALA A 175 9.12 -1.96 7.96
CA ALA A 175 9.08 -0.70 8.64
C ALA A 175 8.26 -0.84 9.91
N GLY A 176 8.74 -0.20 10.97
CA GLY A 176 8.02 -0.15 12.23
C GLY A 176 8.46 -1.24 13.18
N GLY A 177 7.50 -2.04 13.67
CA GLY A 177 7.75 -3.07 14.69
C GLY A 177 7.97 -2.58 16.13
N ASP A 178 7.47 -1.39 16.48
CA ASP A 178 7.63 -0.88 17.86
C ASP A 178 6.61 -1.47 18.85
N GLY A 179 5.66 -2.26 18.33
CA GLY A 179 4.56 -2.84 19.12
C GLY A 179 3.35 -1.93 19.40
N VAL A 180 3.40 -0.70 18.89
CA VAL A 180 2.34 0.30 19.10
C VAL A 180 1.68 0.68 17.77
N ARG A 181 2.53 0.90 16.76
CA ARG A 181 2.06 1.39 15.47
C ARG A 181 2.40 0.42 14.36
N SER A 182 1.48 0.27 13.40
CA SER A 182 1.69 -0.69 12.32
C SER A 182 0.65 -0.52 11.25
N GLY A 183 0.89 -1.14 10.10
CA GLY A 183 -0.21 -1.45 9.15
C GLY A 183 -1.13 -2.53 9.76
N CYS A 184 -2.29 -2.73 9.15
CA CYS A 184 -3.17 -3.77 9.63
C CYS A 184 -4.08 -4.17 8.46
N GLN A 185 -4.93 -5.17 8.62
CA GLN A 185 -5.73 -5.62 7.48
C GLN A 185 -6.54 -4.45 6.86
N GLY A 186 -6.54 -4.37 5.54
CA GLY A 186 -7.22 -3.28 4.86
C GLY A 186 -6.25 -2.18 4.45
N ASP A 187 -5.03 -2.22 4.98
CA ASP A 187 -3.98 -1.30 4.52
C ASP A 187 -3.20 -1.89 3.34
N SER A 188 -3.30 -3.22 3.16
CA SER A 188 -2.61 -3.95 2.09
C SER A 188 -2.77 -3.25 0.74
N GLY A 189 -1.68 -3.20 -0.02
CA GLY A 189 -1.74 -2.59 -1.36
C GLY A 189 -1.42 -1.09 -1.32
N GLY A 190 -1.58 -0.47 -0.14
CA GLY A 190 -1.29 0.94 0.04
C GLY A 190 0.18 1.29 0.10
N PRO A 191 0.49 2.59 0.16
CA PRO A 191 1.86 3.09 0.15
C PRO A 191 2.60 3.09 1.51
N LEU A 192 3.92 2.98 1.41
CA LEU A 192 4.83 3.45 2.43
C LEU A 192 5.58 4.61 1.78
N HIS A 193 5.41 5.80 2.36
CA HIS A 193 5.96 7.05 1.85
C HIS A 193 7.23 7.38 2.66
N CYS A 194 8.34 7.55 1.98
CA CYS A 194 9.59 7.87 2.68
C CYS A 194 10.22 9.09 2.05
N LEU A 195 10.65 10.02 2.89
CA LEU A 195 11.28 11.26 2.45
C LEU A 195 12.71 10.97 2.05
N VAL A 196 13.05 11.26 0.79
CA VAL A 196 14.43 11.16 0.29
C VAL A 196 14.81 12.45 -0.46
N ASN A 197 15.88 13.10 0.00
CA ASN A 197 16.29 14.40 -0.55
C ASN A 197 15.15 15.41 -0.64
N GLY A 198 14.41 15.51 0.46
CA GLY A 198 13.40 16.52 0.64
C GLY A 198 12.05 16.19 0.06
N GLN A 199 11.95 15.07 -0.67
CA GLN A 199 10.70 14.68 -1.36
C GLN A 199 10.22 13.27 -0.96
N TYR A 200 8.92 13.10 -0.77
CA TYR A 200 8.36 11.76 -0.52
C TYR A 200 8.34 10.94 -1.81
N ALA A 201 8.67 9.67 -1.68
CA ALA A 201 8.40 8.70 -2.70
C ALA A 201 7.77 7.47 -2.06
N VAL A 202 7.03 6.74 -2.88
CA VAL A 202 6.39 5.51 -2.42
C VAL A 202 7.38 4.35 -2.56
N HIS A 203 7.99 4.00 -1.42
CA HIS A 203 8.99 2.93 -1.40
C HIS A 203 8.38 1.53 -1.18
N GLY A 204 7.17 1.48 -0.60
CA GLY A 204 6.56 0.17 -0.30
C GLY A 204 5.12 0.05 -0.74
N VAL A 205 4.71 -1.18 -1.03
CA VAL A 205 3.33 -1.59 -1.23
C VAL A 205 3.01 -2.53 -0.07
N THR A 206 2.13 -2.09 0.84
CA THR A 206 1.85 -2.89 2.07
C THR A 206 1.45 -4.33 1.77
N SER A 207 2.15 -5.30 2.37
CA SER A 207 1.96 -6.71 1.99
C SER A 207 1.44 -7.56 3.14
N PHE A 208 2.18 -7.57 4.27
CA PHE A 208 1.78 -8.40 5.40
C PHE A 208 2.24 -7.98 6.80
N VAL A 209 1.56 -8.53 7.81
CA VAL A 209 1.93 -8.36 9.20
C VAL A 209 1.95 -9.77 9.82
N SER A 210 2.31 -9.84 11.08
CA SER A 210 2.34 -11.12 11.78
C SER A 210 0.94 -11.77 11.88
N ARG A 211 0.90 -13.09 11.86
CA ARG A 211 -0.37 -13.76 12.14
C ARG A 211 -0.78 -13.61 13.61
N LEU A 212 0.20 -13.25 14.46
CA LEU A 212 -0.04 -12.96 15.89
C LEU A 212 -0.71 -11.61 16.17
N GLY A 213 -0.65 -10.69 15.20
CA GLY A 213 -1.32 -9.40 15.38
C GLY A 213 -0.61 -8.33 14.54
N CYS A 214 -1.27 -7.20 14.36
CA CYS A 214 -0.77 -6.12 13.51
C CYS A 214 0.43 -5.41 14.15
N ASN A 215 0.23 -4.85 15.35
CA ASN A 215 1.28 -4.12 16.08
C ASN A 215 1.99 -5.06 17.05
N VAL A 216 3.01 -5.76 16.55
CA VAL A 216 3.75 -6.73 17.37
C VAL A 216 5.24 -6.33 17.37
N THR A 217 5.82 -6.23 18.57
CA THR A 217 7.19 -5.77 18.69
C THR A 217 8.11 -6.74 17.99
N ARG A 218 9.04 -6.20 17.18
CA ARG A 218 9.94 -6.99 16.34
C ARG A 218 9.24 -7.76 15.21
N LYS A 219 7.98 -7.40 14.91
CA LYS A 219 7.32 -7.85 13.71
C LYS A 219 6.90 -6.61 12.95
N PRO A 220 7.87 -5.90 12.35
CA PRO A 220 7.48 -4.73 11.57
C PRO A 220 6.56 -5.10 10.41
N THR A 221 5.77 -4.12 9.99
CA THR A 221 4.96 -4.27 8.82
C THR A 221 5.91 -4.50 7.61
N VAL A 222 5.50 -5.40 6.73
CA VAL A 222 6.30 -5.74 5.55
C VAL A 222 5.61 -5.30 4.26
N PHE A 223 6.44 -4.73 3.36
CA PHE A 223 6.00 -4.11 2.14
C PHE A 223 6.79 -4.67 0.99
N THR A 224 6.14 -4.81 -0.16
CA THR A 224 6.87 -5.08 -1.42
C THR A 224 7.74 -3.85 -1.70
N ARG A 225 9.03 -4.09 -2.00
CA ARG A 225 9.97 -2.99 -2.29
C ARG A 225 9.76 -2.50 -3.73
N VAL A 226 9.12 -1.34 -3.86
CA VAL A 226 8.80 -0.72 -5.16
C VAL A 226 10.01 -0.58 -6.09
N SER A 227 11.15 -0.20 -5.51
CA SER A 227 12.38 0.03 -6.33
C SER A 227 12.95 -1.26 -6.96
N ALA A 228 12.41 -2.41 -6.56
CA ALA A 228 12.75 -3.70 -7.20
C ALA A 228 11.91 -4.00 -8.45
N TYR A 229 10.85 -3.21 -8.64
CA TYR A 229 9.84 -3.48 -9.67
C TYR A 229 9.69 -2.40 -10.75
N ILE A 230 10.61 -1.44 -10.77
CA ILE A 230 10.52 -0.32 -11.70
C ILE A 230 10.41 -0.76 -13.18
N SER A 231 11.28 -1.67 -13.62
CA SER A 231 11.19 -2.05 -15.03
C SER A 231 9.94 -2.88 -15.31
N TRP A 232 9.55 -3.75 -14.37
CA TRP A 232 8.29 -4.48 -14.46
C TRP A 232 7.09 -3.54 -14.67
N ILE A 233 6.99 -2.54 -13.79
CA ILE A 233 5.92 -1.53 -13.87
C ILE A 233 5.91 -0.85 -15.23
N ASN A 234 7.07 -0.33 -15.64
CA ASN A 234 7.16 0.37 -16.91
C ASN A 234 6.80 -0.52 -18.11
N ASN A 235 7.27 -1.77 -18.07
CA ASN A 235 6.98 -2.77 -19.10
C ASN A 235 5.49 -3.04 -19.24
N VAL A 236 4.81 -3.22 -18.11
CA VAL A 236 3.37 -3.48 -18.12
C VAL A 236 2.62 -2.28 -18.73
N ILE A 237 2.96 -1.07 -18.28
CA ILE A 237 2.23 0.12 -18.72
C ILE A 237 2.49 0.36 -20.22
N ALA A 238 3.72 0.15 -20.64
CA ALA A 238 4.08 0.32 -22.06
C ALA A 238 3.43 -0.71 -23.01
N SER A 239 3.09 -1.90 -22.52
CA SER A 239 2.41 -2.90 -23.36
C SER A 239 0.88 -2.91 -23.23
N ASN A 240 0.35 -2.20 -22.22
CA ASN A 240 -1.09 -2.17 -21.99
C ASN A 240 -1.66 -0.78 -22.28
CA CA B . -15.72 10.05 1.00
S SO4 C . 17.01 -4.37 -7.11
O1 SO4 C . 16.89 -5.59 -6.31
O2 SO4 C . 16.12 -3.35 -6.61
O3 SO4 C . 18.42 -3.96 -7.05
O4 SO4 C . 16.62 -4.63 -8.50
XE XE D . -1.50 -5.91 6.30
#